data_1NUQ
#
_entry.id   1NUQ
#
_cell.length_a   79.309
_cell.length_b   79.309
_cell.length_c   147.508
_cell.angle_alpha   90.00
_cell.angle_beta   90.00
_cell.angle_gamma   90.00
#
_symmetry.space_group_name_H-M   'P 43 21 2'
#
loop_
_entity.id
_entity.type
_entity.pdbx_description
1 polymer FKSG76
2 non-polymer 'SULFATE ION'
3 non-polymer 'NICOTINIC ACID ADENINE DINUCLEOTIDE'
4 water water
#
_entity_poly.entity_id   1
_entity_poly.type   'polypeptide(L)'
_entity_poly.pdbx_seq_one_letter_code
;MKSRIPVVLLACGSFNPITNMHLRMFEVARDHLHQTGMYQVIQGIISPVNDTYGKKDLAASHHRVAMARLALQTSDWIRV
DPWESEQAQWMETVKVLRHHHSKLLRSPPQMEGPDHGKALFSTPAAVPELKLLCGADVLKTFQTPNLWKDAHIQEIVEKF
GLVCVGRVSHDPKGYIAESPILRMHQHNIHLAKEPVQNEISATYIRRALGQGQSVKYLIPDAVITYIKDHGLYTKGSTWK
GKSTQSTEGKTS
;
_entity_poly.pdbx_strand_id   A,B
#
loop_
_chem_comp.id
_chem_comp.type
_chem_comp.name
_chem_comp.formula
DND non-polymer 'NICOTINIC ACID ADENINE DINUCLEOTIDE' 'C21 H27 N6 O15 P2 1'
SO4 non-polymer 'SULFATE ION' 'O4 S -2'
#
# COMPACT_ATOMS: atom_id res chain seq x y z
N SER A 3 35.81 -9.27 11.60
CA SER A 3 35.25 -9.79 10.32
C SER A 3 33.75 -9.51 10.19
N ARG A 4 33.09 -10.22 9.28
CA ARG A 4 31.67 -10.03 9.05
C ARG A 4 30.77 -10.71 10.07
N ILE A 5 29.72 -10.03 10.49
CA ILE A 5 28.81 -10.63 11.44
C ILE A 5 27.75 -11.41 10.63
N PRO A 6 27.40 -12.62 11.10
CA PRO A 6 26.42 -13.48 10.45
C PRO A 6 25.02 -12.90 10.56
N VAL A 7 24.24 -13.09 9.50
CA VAL A 7 22.90 -12.58 9.44
C VAL A 7 21.90 -13.60 8.87
N VAL A 8 20.71 -13.67 9.46
CA VAL A 8 19.67 -14.54 8.98
C VAL A 8 18.52 -13.59 8.61
N LEU A 9 17.99 -13.76 7.42
CA LEU A 9 16.90 -12.92 6.95
C LEU A 9 15.56 -13.61 7.13
N LEU A 10 14.62 -12.93 7.79
CA LEU A 10 13.31 -13.51 7.99
C LEU A 10 12.25 -12.71 7.24
N ALA A 11 11.51 -13.37 6.36
CA ALA A 11 10.44 -12.70 5.63
C ALA A 11 9.07 -13.27 6.04
N CYS A 12 8.27 -12.43 6.67
CA CYS A 12 6.93 -12.80 7.11
C CYS A 12 5.98 -12.22 6.10
N GLY A 13 5.00 -12.99 5.67
CA GLY A 13 4.07 -12.48 4.68
C GLY A 13 3.07 -13.57 4.35
N SER A 14 2.14 -13.28 3.44
CA SER A 14 1.14 -14.25 3.04
C SER A 14 1.67 -15.35 2.12
N PHE A 15 2.45 -14.96 1.10
CA PHE A 15 2.99 -15.90 0.11
C PHE A 15 1.82 -16.74 -0.40
N ASN A 16 0.90 -16.04 -1.06
CA ASN A 16 -0.38 -16.59 -1.53
C ASN A 16 -0.62 -16.37 -3.03
N PRO A 17 0.20 -16.98 -3.89
CA PRO A 17 1.33 -17.86 -3.60
C PRO A 17 2.66 -17.09 -3.62
N ILE A 18 3.74 -17.79 -3.28
CA ILE A 18 5.06 -17.19 -3.31
C ILE A 18 5.33 -16.89 -4.81
N THR A 19 5.94 -15.75 -5.10
CA THR A 19 6.18 -15.37 -6.51
C THR A 19 7.67 -15.14 -6.76
N ASN A 20 8.06 -15.00 -8.03
CA ASN A 20 9.47 -14.70 -8.33
C ASN A 20 9.93 -13.39 -7.66
N MET A 21 8.99 -12.47 -7.50
CA MET A 21 9.26 -11.16 -6.88
C MET A 21 9.59 -11.34 -5.40
N HIS A 22 8.85 -12.19 -4.72
CA HIS A 22 9.13 -12.44 -3.30
C HIS A 22 10.53 -13.04 -3.14
N LEU A 23 10.91 -13.95 -4.04
CA LEU A 23 12.22 -14.62 -3.98
C LEU A 23 13.34 -13.64 -4.35
N ARG A 24 13.07 -12.80 -5.34
CA ARG A 24 14.05 -11.82 -5.77
C ARG A 24 14.44 -10.93 -4.59
N MET A 25 13.44 -10.62 -3.75
CA MET A 25 13.66 -9.78 -2.58
C MET A 25 14.81 -10.32 -1.74
N PHE A 26 14.85 -11.65 -1.53
CA PHE A 26 15.93 -12.24 -0.75
C PHE A 26 17.31 -12.03 -1.39
N GLU A 27 17.37 -12.23 -2.71
CA GLU A 27 18.65 -12.10 -3.42
C GLU A 27 19.16 -10.66 -3.38
N VAL A 28 18.28 -9.71 -3.65
CA VAL A 28 18.68 -8.30 -3.62
C VAL A 28 19.16 -7.92 -2.24
N ALA A 29 18.38 -8.28 -1.22
CA ALA A 29 18.79 -7.97 0.15
C ALA A 29 20.16 -8.58 0.53
N ARG A 30 20.41 -9.82 0.15
CA ARG A 30 21.69 -10.42 0.50
C ARG A 30 22.85 -9.69 -0.17
N ASP A 31 22.76 -9.43 -1.48
CA ASP A 31 23.83 -8.73 -2.18
C ASP A 31 24.05 -7.35 -1.49
N HIS A 32 22.95 -6.68 -1.15
CA HIS A 32 23.05 -5.37 -0.50
C HIS A 32 23.86 -5.46 0.79
N LEU A 33 23.44 -6.35 1.69
CA LEU A 33 24.15 -6.55 2.95
C LEU A 33 25.61 -6.92 2.73
N HIS A 34 25.89 -7.74 1.72
CA HIS A 34 27.29 -8.10 1.49
C HIS A 34 28.09 -6.90 1.00
N GLN A 35 27.47 -6.07 0.17
CA GLN A 35 28.10 -4.89 -0.39
C GLN A 35 28.52 -3.88 0.68
N THR A 36 27.88 -3.92 1.85
CA THR A 36 28.23 -2.99 2.93
C THR A 36 29.58 -3.40 3.50
N GLY A 37 29.93 -4.67 3.33
CA GLY A 37 31.18 -5.18 3.85
C GLY A 37 31.16 -5.64 5.30
N MET A 38 30.08 -5.40 6.02
CA MET A 38 30.06 -5.83 7.41
C MET A 38 29.19 -7.03 7.74
N TYR A 39 28.44 -7.52 6.75
CA TYR A 39 27.58 -8.68 6.99
C TYR A 39 27.85 -9.87 6.07
N GLN A 40 27.45 -11.04 6.56
CA GLN A 40 27.55 -12.29 5.82
C GLN A 40 26.19 -12.99 6.01
N VAL A 41 25.34 -12.94 4.99
CA VAL A 41 24.02 -13.58 5.10
C VAL A 41 24.23 -15.11 5.01
N ILE A 42 23.82 -15.82 6.05
CA ILE A 42 24.00 -17.26 6.09
C ILE A 42 22.72 -18.05 5.85
N GLN A 43 21.58 -17.37 5.91
CA GLN A 43 20.31 -18.06 5.68
C GLN A 43 19.13 -17.11 5.51
N GLY A 44 18.14 -17.58 4.77
CA GLY A 44 16.93 -16.84 4.56
C GLY A 44 15.77 -17.73 5.00
N ILE A 45 14.76 -17.13 5.60
CA ILE A 45 13.59 -17.87 6.07
C ILE A 45 12.29 -17.22 5.59
N ILE A 46 11.46 -18.04 4.95
CA ILE A 46 10.15 -17.66 4.45
C ILE A 46 9.16 -18.17 5.50
N SER A 47 8.39 -17.28 6.11
CA SER A 47 7.43 -17.68 7.12
C SER A 47 6.03 -17.27 6.77
N PRO A 48 5.27 -18.17 6.12
CA PRO A 48 3.90 -17.89 5.73
C PRO A 48 3.01 -17.57 6.96
N VAL A 49 2.13 -16.60 6.78
CA VAL A 49 1.22 -16.14 7.84
C VAL A 49 0.17 -17.20 8.18
N ASN A 50 -0.30 -17.14 9.41
CA ASN A 50 -1.33 -18.06 9.92
C ASN A 50 -2.62 -17.84 9.15
N ASP A 51 -3.44 -18.88 9.04
CA ASP A 51 -4.72 -18.78 8.35
C ASP A 51 -5.76 -17.88 9.02
N THR A 52 -5.58 -17.52 10.27
CA THR A 52 -6.60 -16.67 10.91
C THR A 52 -6.38 -15.20 10.60
N TYR A 53 -5.26 -14.91 9.94
CA TYR A 53 -4.90 -13.55 9.61
C TYR A 53 -5.76 -12.82 8.58
N GLY A 54 -5.95 -11.53 8.84
CA GLY A 54 -6.69 -10.67 7.94
C GLY A 54 -8.13 -11.01 7.59
N LYS A 55 -8.61 -10.26 6.60
CA LYS A 55 -9.98 -10.36 6.08
C LYS A 55 -10.02 -11.16 4.78
N LYS A 56 -8.91 -11.18 4.06
CA LYS A 56 -8.79 -11.89 2.79
C LYS A 56 -8.70 -13.41 2.96
N ASP A 57 -9.34 -14.15 2.07
CA ASP A 57 -9.27 -15.62 2.11
C ASP A 57 -7.96 -16.02 1.44
N LEU A 58 -7.12 -16.71 2.19
CA LEU A 58 -5.82 -17.15 1.68
C LEU A 58 -5.93 -18.64 1.41
N ALA A 59 -5.05 -19.16 0.58
CA ALA A 59 -5.04 -20.60 0.36
C ALA A 59 -4.60 -21.12 1.74
N ALA A 60 -4.93 -22.36 2.05
CA ALA A 60 -4.55 -22.95 3.33
C ALA A 60 -3.04 -22.87 3.58
N SER A 61 -2.63 -22.56 4.81
CA SER A 61 -1.21 -22.47 5.12
C SER A 61 -0.47 -23.76 4.73
N HIS A 62 -1.16 -24.90 4.82
CA HIS A 62 -0.58 -26.18 4.42
C HIS A 62 -0.05 -26.05 2.97
N HIS A 63 -0.88 -25.49 2.10
CA HIS A 63 -0.52 -25.27 0.69
C HIS A 63 0.53 -24.15 0.52
N ARG A 64 0.41 -23.04 1.25
CA ARG A 64 1.38 -21.96 1.11
C ARG A 64 2.78 -22.41 1.55
N VAL A 65 2.84 -23.23 2.60
CA VAL A 65 4.13 -23.74 3.05
C VAL A 65 4.67 -24.70 1.97
N ALA A 66 3.80 -25.54 1.42
CA ALA A 66 4.23 -26.50 0.40
C ALA A 66 4.76 -25.79 -0.82
N MET A 67 4.04 -24.78 -1.28
CA MET A 67 4.48 -24.05 -2.47
C MET A 67 5.84 -23.37 -2.20
N ALA A 68 6.01 -22.78 -1.02
CA ALA A 68 7.31 -22.14 -0.71
C ALA A 68 8.43 -23.18 -0.71
N ARG A 69 8.19 -24.34 -0.09
CA ARG A 69 9.21 -25.39 -0.06
C ARG A 69 9.60 -25.79 -1.47
N LEU A 70 8.60 -26.00 -2.34
CA LEU A 70 8.90 -26.40 -3.71
C LEU A 70 9.64 -25.28 -4.44
N ALA A 71 9.21 -24.04 -4.23
CA ALA A 71 9.89 -22.91 -4.87
C ALA A 71 11.35 -22.86 -4.44
N LEU A 72 11.61 -23.16 -3.16
CA LEU A 72 12.95 -23.08 -2.60
C LEU A 72 13.85 -24.31 -2.79
N GLN A 73 13.34 -25.34 -3.44
CA GLN A 73 14.13 -26.54 -3.67
C GLN A 73 15.39 -26.18 -4.47
N THR A 74 15.27 -25.14 -5.30
CA THR A 74 16.39 -24.70 -6.11
C THR A 74 17.22 -23.53 -5.51
N SER A 75 17.01 -23.27 -4.22
CA SER A 75 17.77 -22.25 -3.51
C SER A 75 18.70 -23.00 -2.55
N ASP A 76 19.93 -22.52 -2.40
CA ASP A 76 20.82 -23.22 -1.47
C ASP A 76 20.96 -22.47 -0.14
N TRP A 77 20.14 -21.43 0.08
CA TRP A 77 20.24 -20.70 1.35
C TRP A 77 18.93 -20.23 1.95
N ILE A 78 17.83 -20.37 1.22
CA ILE A 78 16.53 -19.92 1.73
C ILE A 78 15.64 -21.15 1.95
N ARG A 79 14.98 -21.19 3.09
CA ARG A 79 14.09 -22.30 3.40
C ARG A 79 12.75 -21.77 3.96
N VAL A 80 11.72 -22.60 3.90
CA VAL A 80 10.44 -22.17 4.45
C VAL A 80 10.34 -22.68 5.88
N ASP A 81 9.77 -21.90 6.80
CA ASP A 81 9.60 -22.39 8.16
C ASP A 81 8.13 -22.26 8.50
N PRO A 82 7.47 -23.40 8.70
CA PRO A 82 6.04 -23.44 9.02
C PRO A 82 5.60 -23.08 10.44
N TRP A 83 6.55 -22.97 11.37
CA TRP A 83 6.22 -22.67 12.77
C TRP A 83 5.14 -21.62 13.00
N GLU A 84 5.32 -20.45 12.40
CA GLU A 84 4.33 -19.39 12.54
C GLU A 84 2.94 -19.84 12.10
N SER A 85 2.85 -20.49 10.95
CA SER A 85 1.56 -20.92 10.44
C SER A 85 0.96 -22.08 11.23
N GLU A 86 1.78 -22.82 11.96
CA GLU A 86 1.28 -23.96 12.75
C GLU A 86 0.73 -23.57 14.11
N GLN A 87 0.89 -22.31 14.49
CA GLN A 87 0.37 -21.86 15.78
C GLN A 87 -1.16 -21.74 15.72
N ALA A 88 -1.81 -21.86 16.87
CA ALA A 88 -3.27 -21.80 16.94
C ALA A 88 -3.83 -20.54 16.32
N GLN A 89 -3.16 -19.41 16.48
CA GLN A 89 -3.63 -18.17 15.86
C GLN A 89 -2.54 -17.23 15.37
N TRP A 90 -2.97 -16.24 14.58
CA TRP A 90 -2.09 -15.23 14.04
C TRP A 90 -1.22 -14.71 15.16
N MET A 91 0.00 -14.33 14.80
CA MET A 91 0.94 -13.85 15.78
C MET A 91 1.64 -12.60 15.28
N GLU A 92 1.77 -11.59 16.15
CA GLU A 92 2.45 -10.34 15.78
C GLU A 92 3.84 -10.66 15.26
N THR A 93 4.32 -9.92 14.28
CA THR A 93 5.62 -10.22 13.70
C THR A 93 6.76 -10.17 14.72
N VAL A 94 6.72 -9.23 15.65
CA VAL A 94 7.79 -9.19 16.64
C VAL A 94 7.89 -10.54 17.38
N LYS A 95 6.76 -11.21 17.61
CA LYS A 95 6.81 -12.50 18.31
C LYS A 95 7.45 -13.61 17.45
N VAL A 96 7.26 -13.55 16.13
CA VAL A 96 7.87 -14.54 15.25
C VAL A 96 9.38 -14.28 15.25
N LEU A 97 9.77 -13.02 15.22
CA LEU A 97 11.21 -12.71 15.27
C LEU A 97 11.80 -13.26 16.59
N ARG A 98 11.11 -13.00 17.70
CA ARG A 98 11.59 -13.48 19.01
C ARG A 98 11.81 -14.97 18.97
N HIS A 99 10.82 -15.70 18.47
CA HIS A 99 10.92 -17.15 18.38
C HIS A 99 12.14 -17.63 17.56
N HIS A 100 12.29 -17.11 16.35
CA HIS A 100 13.41 -17.53 15.52
C HIS A 100 14.76 -17.12 16.09
N HIS A 101 14.78 -16.04 16.86
CA HIS A 101 16.02 -15.58 17.49
C HIS A 101 16.41 -16.64 18.54
N SER A 102 15.44 -17.04 19.36
CA SER A 102 15.71 -18.06 20.38
C SER A 102 16.22 -19.32 19.71
N LYS A 103 15.60 -19.66 18.59
CA LYS A 103 15.99 -20.85 17.85
C LYS A 103 17.48 -20.82 17.54
N LEU A 104 17.99 -19.67 17.11
CA LEU A 104 19.41 -19.53 16.78
C LEU A 104 20.29 -19.70 18.02
N LEU A 105 19.78 -19.30 19.18
CA LEU A 105 20.53 -19.41 20.42
C LEU A 105 20.59 -20.88 20.88
N ALA A 126 28.47 -14.11 19.89
CA ALA A 126 28.84 -15.16 18.96
C ALA A 126 27.61 -15.65 18.21
N VAL A 127 26.51 -14.92 18.36
CA VAL A 127 25.25 -15.30 17.71
C VAL A 127 24.87 -14.38 16.55
N PRO A 128 24.45 -14.98 15.43
CA PRO A 128 24.05 -14.18 14.27
C PRO A 128 22.86 -13.25 14.54
N GLU A 129 22.80 -12.17 13.78
CA GLU A 129 21.72 -11.21 13.92
C GLU A 129 20.56 -11.60 13.01
N LEU A 130 19.34 -11.56 13.54
CA LEU A 130 18.16 -11.92 12.78
C LEU A 130 17.47 -10.62 12.35
N LYS A 131 17.27 -10.43 11.06
CA LYS A 131 16.63 -9.20 10.59
C LYS A 131 15.36 -9.46 9.79
N LEU A 132 14.38 -8.57 9.95
CA LEU A 132 13.13 -8.72 9.22
C LEU A 132 13.38 -8.24 7.78
N LEU A 133 13.02 -9.06 6.79
CA LEU A 133 13.19 -8.67 5.37
C LEU A 133 11.80 -8.34 4.83
N CYS A 134 11.63 -7.16 4.22
CA CYS A 134 10.35 -6.83 3.66
C CYS A 134 10.44 -5.83 2.54
N GLY A 135 9.32 -5.62 1.87
CA GLY A 135 9.28 -4.64 0.80
C GLY A 135 9.02 -3.28 1.42
N ALA A 136 9.31 -2.21 0.66
CA ALA A 136 9.12 -0.85 1.15
C ALA A 136 7.67 -0.57 1.52
N ASP A 137 6.73 -1.26 0.89
CA ASP A 137 5.33 -1.06 1.18
C ASP A 137 5.03 -1.36 2.65
N VAL A 138 5.60 -2.44 3.18
CA VAL A 138 5.41 -2.81 4.59
C VAL A 138 5.92 -1.70 5.50
N LEU A 139 6.97 -1.03 5.05
CA LEU A 139 7.50 0.05 5.84
C LEU A 139 6.43 1.14 5.92
N LYS A 140 5.68 1.31 4.83
CA LYS A 140 4.63 2.31 4.83
C LYS A 140 3.49 1.88 5.76
N THR A 141 3.26 0.58 5.90
CA THR A 141 2.15 0.14 6.77
C THR A 141 2.39 0.45 8.23
N PHE A 142 3.64 0.73 8.60
CA PHE A 142 3.94 1.08 10.00
C PHE A 142 3.18 2.34 10.38
N GLN A 143 2.86 3.16 9.39
CA GLN A 143 2.13 4.42 9.59
C GLN A 143 0.62 4.22 9.79
N THR A 144 0.10 3.07 9.38
CA THR A 144 -1.33 2.81 9.48
C THR A 144 -1.87 2.79 10.91
N PRO A 145 -2.89 3.62 11.19
CA PRO A 145 -3.46 3.66 12.54
C PRO A 145 -3.98 2.32 13.04
N ASN A 146 -3.63 1.98 14.28
CA ASN A 146 -4.06 0.74 14.93
C ASN A 146 -3.60 -0.54 14.23
N LEU A 147 -2.52 -0.49 13.46
CA LEU A 147 -2.05 -1.68 12.79
C LEU A 147 -0.87 -2.30 13.54
N TRP A 148 0.24 -1.58 13.61
CA TRP A 148 1.42 -2.05 14.32
C TRP A 148 1.53 -1.29 15.64
N LYS A 149 1.86 -1.98 16.72
CA LYS A 149 2.03 -1.33 18.01
C LYS A 149 3.39 -0.63 17.93
N ASP A 150 3.42 0.62 18.36
CA ASP A 150 4.66 1.39 18.33
C ASP A 150 5.79 0.74 19.06
N ALA A 151 5.50 0.06 20.17
CA ALA A 151 6.54 -0.62 20.92
C ALA A 151 7.12 -1.78 20.09
N HIS A 152 6.27 -2.39 19.27
CA HIS A 152 6.74 -3.49 18.44
C HIS A 152 7.63 -2.98 17.32
N ILE A 153 7.21 -1.89 16.71
CA ILE A 153 8.02 -1.32 15.63
C ILE A 153 9.40 -1.01 16.21
N GLN A 154 9.39 -0.48 17.42
CA GLN A 154 10.63 -0.12 18.10
C GLN A 154 11.51 -1.34 18.34
N GLU A 155 10.93 -2.41 18.87
CA GLU A 155 11.74 -3.59 19.14
C GLU A 155 12.24 -4.22 17.83
N ILE A 156 11.40 -4.18 16.79
CA ILE A 156 11.78 -4.73 15.50
C ILE A 156 13.02 -4.02 14.95
N VAL A 157 13.00 -2.69 14.89
CA VAL A 157 14.17 -2.01 14.35
C VAL A 157 15.39 -1.96 15.27
N GLU A 158 15.15 -1.92 16.58
CA GLU A 158 16.28 -1.86 17.54
C GLU A 158 16.95 -3.19 17.88
N LYS A 159 16.16 -4.19 18.26
CA LYS A 159 16.72 -5.47 18.65
C LYS A 159 16.98 -6.46 17.51
N PHE A 160 16.32 -6.26 16.39
CA PHE A 160 16.49 -7.17 15.26
C PHE A 160 17.11 -6.52 14.03
N GLY A 161 16.38 -5.57 13.46
CA GLY A 161 16.87 -4.91 12.27
C GLY A 161 15.89 -5.13 11.14
N LEU A 162 15.92 -4.24 10.16
CA LEU A 162 15.04 -4.30 9.00
C LEU A 162 15.84 -4.15 7.71
N VAL A 163 15.53 -4.99 6.72
CA VAL A 163 16.18 -4.89 5.42
C VAL A 163 14.99 -4.69 4.52
N CYS A 164 14.93 -3.53 3.88
CA CYS A 164 13.80 -3.15 3.06
C CYS A 164 14.16 -3.08 1.58
N VAL A 165 13.38 -3.75 0.74
CA VAL A 165 13.66 -3.70 -0.71
C VAL A 165 12.74 -2.69 -1.37
N GLY A 166 13.32 -1.84 -2.21
CA GLY A 166 12.53 -0.81 -2.84
C GLY A 166 11.39 -1.35 -3.69
N ARG A 167 10.36 -0.52 -3.85
CA ARG A 167 9.18 -0.84 -4.64
C ARG A 167 8.66 0.44 -5.26
N VAL A 168 8.18 0.34 -6.50
CA VAL A 168 7.66 1.49 -7.20
C VAL A 168 6.58 2.21 -6.40
N SER A 169 6.69 3.53 -6.39
CA SER A 169 5.73 4.37 -5.69
C SER A 169 6.00 4.56 -4.20
N HIS A 170 7.06 3.97 -3.69
CA HIS A 170 7.36 4.09 -2.28
C HIS A 170 8.67 4.85 -2.08
N ASP A 171 8.78 5.60 -0.99
CA ASP A 171 10.01 6.35 -0.71
C ASP A 171 10.50 6.01 0.70
N PRO A 172 11.16 4.85 0.87
CA PRO A 172 11.70 4.34 2.14
C PRO A 172 12.49 5.39 2.92
N LYS A 173 13.35 6.15 2.23
CA LYS A 173 14.12 7.20 2.91
C LYS A 173 13.20 8.21 3.61
N GLY A 174 12.13 8.60 2.94
CA GLY A 174 11.19 9.55 3.54
C GLY A 174 10.43 8.89 4.70
N TYR A 175 10.04 7.63 4.54
CA TYR A 175 9.32 6.93 5.64
C TYR A 175 10.16 6.96 6.92
N ILE A 176 11.43 6.68 6.76
CA ILE A 176 12.35 6.67 7.89
C ILE A 176 12.49 8.06 8.50
N ALA A 177 12.72 9.06 7.65
CA ALA A 177 12.87 10.43 8.17
C ALA A 177 11.62 10.96 8.89
N GLU A 178 10.44 10.53 8.47
CA GLU A 178 9.18 10.99 9.07
C GLU A 178 8.69 10.20 10.29
N SER A 179 9.38 9.12 10.63
CA SER A 179 9.01 8.33 11.80
C SER A 179 10.07 8.54 12.87
N PRO A 180 9.69 9.10 14.02
CA PRO A 180 10.73 9.29 15.04
C PRO A 180 11.43 7.99 15.41
N ILE A 181 10.67 6.92 15.56
CA ILE A 181 11.24 5.64 15.92
C ILE A 181 12.24 5.11 14.89
N LEU A 182 11.83 5.11 13.62
CA LEU A 182 12.70 4.65 12.55
C LEU A 182 13.93 5.54 12.44
N ARG A 183 13.74 6.85 12.53
CA ARG A 183 14.84 7.78 12.41
C ARG A 183 15.90 7.52 13.47
N MET A 184 15.45 7.29 14.70
CA MET A 184 16.35 7.05 15.83
C MET A 184 17.19 5.78 15.67
N HIS A 185 16.61 4.77 15.03
CA HIS A 185 17.30 3.50 14.83
C HIS A 185 17.64 3.22 13.37
N GLN A 186 17.83 4.28 12.58
CA GLN A 186 18.06 4.12 11.15
C GLN A 186 19.26 3.30 10.74
N HIS A 187 20.26 3.25 11.63
CA HIS A 187 21.46 2.45 11.38
C HIS A 187 21.14 0.96 11.30
N ASN A 188 20.00 0.57 11.88
CA ASN A 188 19.58 -0.83 11.86
C ASN A 188 18.58 -1.09 10.75
N ILE A 189 18.42 -0.11 9.86
CA ILE A 189 17.51 -0.26 8.72
C ILE A 189 18.40 -0.19 7.49
N HIS A 190 18.33 -1.23 6.67
CA HIS A 190 19.15 -1.33 5.46
C HIS A 190 18.25 -1.23 4.23
N LEU A 191 18.42 -0.15 3.47
CA LEU A 191 17.63 0.09 2.28
C LEU A 191 18.33 -0.49 1.06
N ALA A 192 17.75 -1.54 0.51
CA ALA A 192 18.33 -2.18 -0.66
C ALA A 192 17.53 -1.72 -1.86
N LYS A 193 18.24 -1.31 -2.91
CA LYS A 193 17.54 -0.88 -4.10
C LYS A 193 17.89 -1.77 -5.27
N GLU A 194 16.86 -2.15 -6.01
CA GLU A 194 17.01 -2.98 -7.21
C GLU A 194 16.62 -2.08 -8.38
N PRO A 195 17.58 -1.72 -9.24
CA PRO A 195 17.30 -0.86 -10.39
C PRO A 195 16.28 -1.43 -11.39
N VAL A 196 15.63 -2.53 -11.01
CA VAL A 196 14.65 -3.19 -11.88
C VAL A 196 13.19 -2.92 -11.50
N GLN A 197 12.28 -3.00 -12.47
CA GLN A 197 10.86 -2.80 -12.17
C GLN A 197 10.24 -4.20 -12.17
N ASN A 198 9.89 -4.64 -10.98
CA ASN A 198 9.33 -5.98 -10.80
C ASN A 198 8.09 -5.80 -9.95
N GLU A 199 7.08 -5.14 -10.49
CA GLU A 199 5.85 -4.95 -9.75
C GLU A 199 4.84 -5.94 -10.32
N ILE A 200 4.91 -7.17 -9.83
CA ILE A 200 4.04 -8.23 -10.26
C ILE A 200 3.27 -8.59 -8.99
N SER A 201 1.97 -8.31 -8.95
CA SER A 201 1.23 -8.60 -7.73
C SER A 201 0.68 -10.01 -7.62
N ALA A 202 0.67 -10.56 -6.40
CA ALA A 202 0.14 -11.91 -6.23
C ALA A 202 -1.37 -11.88 -6.51
N THR A 203 -2.01 -10.73 -6.29
CA THR A 203 -3.44 -10.63 -6.54
C THR A 203 -3.68 -10.87 -8.04
N TYR A 204 -2.86 -10.25 -8.88
CA TYR A 204 -3.00 -10.48 -10.32
C TYR A 204 -2.75 -11.96 -10.62
N ILE A 205 -1.69 -12.53 -10.02
CA ILE A 205 -1.33 -13.97 -10.21
C ILE A 205 -2.56 -14.85 -9.95
N ARG A 206 -3.18 -14.65 -8.78
CA ARG A 206 -4.38 -15.42 -8.45
C ARG A 206 -5.54 -15.23 -9.47
N ARG A 207 -5.79 -14.01 -9.89
CA ARG A 207 -6.88 -13.75 -10.83
C ARG A 207 -6.58 -14.41 -12.19
N ALA A 208 -5.34 -14.29 -12.64
CA ALA A 208 -4.94 -14.89 -13.91
C ALA A 208 -5.14 -16.40 -13.84
N LEU A 209 -4.68 -17.01 -12.76
CA LEU A 209 -4.83 -18.45 -12.59
C LEU A 209 -6.32 -18.85 -12.57
N GLY A 210 -7.15 -18.04 -11.93
CA GLY A 210 -8.57 -18.32 -11.89
C GLY A 210 -9.20 -18.23 -13.27
N GLN A 211 -8.58 -17.45 -14.15
CA GLN A 211 -9.09 -17.30 -15.51
C GLN A 211 -8.45 -18.27 -16.50
N GLY A 212 -7.62 -19.19 -15.99
CA GLY A 212 -6.97 -20.14 -16.87
C GLY A 212 -5.82 -19.56 -17.70
N GLN A 213 -5.34 -18.39 -17.32
CA GLN A 213 -4.23 -17.75 -18.03
C GLN A 213 -2.90 -18.21 -17.46
N SER A 214 -1.83 -18.04 -18.23
CA SER A 214 -0.51 -18.45 -17.76
C SER A 214 0.11 -17.46 -16.80
N VAL A 215 0.87 -17.97 -15.85
CA VAL A 215 1.64 -17.12 -14.94
C VAL A 215 3.05 -17.67 -14.98
N LYS A 216 3.33 -18.45 -16.03
CA LYS A 216 4.67 -19.03 -16.15
C LYS A 216 5.64 -17.85 -16.30
N TYR A 217 6.82 -18.01 -15.70
CA TYR A 217 7.87 -17.01 -15.69
C TYR A 217 7.59 -15.85 -14.73
N LEU A 218 6.46 -15.88 -14.01
CA LEU A 218 6.16 -14.88 -12.98
C LEU A 218 6.33 -15.55 -11.60
N ILE A 219 6.03 -16.85 -11.52
CA ILE A 219 6.22 -17.61 -10.30
C ILE A 219 6.94 -18.90 -10.73
N PRO A 220 7.65 -19.57 -9.80
CA PRO A 220 8.36 -20.80 -10.15
C PRO A 220 7.55 -21.92 -10.76
N ASP A 221 8.15 -22.62 -11.72
CA ASP A 221 7.48 -23.76 -12.34
C ASP A 221 6.96 -24.76 -11.31
N ALA A 222 7.73 -25.01 -10.25
CA ALA A 222 7.30 -25.99 -9.26
C ALA A 222 6.02 -25.54 -8.56
N VAL A 223 5.87 -24.23 -8.39
CA VAL A 223 4.67 -23.73 -7.73
C VAL A 223 3.45 -23.90 -8.64
N ILE A 224 3.62 -23.58 -9.92
CA ILE A 224 2.51 -23.71 -10.87
C ILE A 224 2.05 -25.18 -10.92
N THR A 225 3.01 -26.10 -10.87
CA THR A 225 2.67 -27.53 -10.90
C THR A 225 1.83 -27.88 -9.66
N TYR A 226 2.27 -27.44 -8.49
CA TYR A 226 1.52 -27.73 -7.26
C TYR A 226 0.11 -27.14 -7.31
N ILE A 227 0.01 -25.91 -7.78
CA ILE A 227 -1.28 -25.22 -7.90
C ILE A 227 -2.24 -26.02 -8.80
N LYS A 228 -1.75 -26.46 -9.95
CA LYS A 228 -2.56 -27.23 -10.89
C LYS A 228 -2.93 -28.59 -10.26
N ASP A 229 -1.96 -29.26 -9.67
CA ASP A 229 -2.18 -30.58 -9.08
C ASP A 229 -3.17 -30.58 -7.92
N HIS A 230 -3.30 -29.47 -7.23
CA HIS A 230 -4.17 -29.39 -6.07
C HIS A 230 -5.35 -28.48 -6.26
N GLY A 231 -5.56 -28.08 -7.50
CA GLY A 231 -6.68 -27.22 -7.86
C GLY A 231 -6.80 -25.96 -7.03
N LEU A 232 -5.70 -25.25 -6.87
CA LEU A 232 -5.75 -24.04 -6.09
C LEU A 232 -6.10 -22.83 -6.93
N TYR A 233 -6.61 -21.79 -6.27
CA TYR A 233 -6.95 -20.53 -6.89
C TYR A 233 -7.93 -20.66 -8.04
N THR A 234 -8.88 -21.58 -7.91
CA THR A 234 -9.87 -21.77 -8.96
C THR A 234 -11.00 -20.78 -8.69
N LYS A 235 -11.56 -20.20 -9.75
CA LYS A 235 -12.65 -19.24 -9.63
C LYS A 235 -13.72 -19.75 -8.67
N SER B 3 -31.22 10.25 -20.84
CA SER B 3 -30.34 11.35 -20.35
C SER B 3 -29.31 10.82 -19.35
N ARG B 4 -28.18 11.51 -19.23
CA ARG B 4 -27.12 11.08 -18.33
C ARG B 4 -27.31 11.41 -16.86
N ILE B 5 -26.80 10.52 -16.01
CA ILE B 5 -26.89 10.70 -14.57
C ILE B 5 -25.77 11.64 -14.11
N PRO B 6 -26.13 12.73 -13.42
CA PRO B 6 -25.19 13.73 -12.91
C PRO B 6 -24.36 13.09 -11.80
N VAL B 7 -23.04 13.31 -11.83
CA VAL B 7 -22.17 12.72 -10.83
C VAL B 7 -21.22 13.73 -10.22
N VAL B 8 -20.98 13.59 -8.92
CA VAL B 8 -20.02 14.45 -8.23
C VAL B 8 -18.98 13.48 -7.67
N LEU B 9 -17.70 13.76 -7.90
CA LEU B 9 -16.64 12.89 -7.41
C LEU B 9 -15.99 13.50 -6.19
N LEU B 10 -15.89 12.71 -5.11
CA LEU B 10 -15.29 13.15 -3.86
C LEU B 10 -14.01 12.37 -3.59
N ALA B 11 -12.89 13.07 -3.46
CA ALA B 11 -11.63 12.41 -3.14
C ALA B 11 -11.24 12.80 -1.73
N CYS B 12 -11.15 11.81 -0.86
CA CYS B 12 -10.75 12.04 0.51
C CYS B 12 -9.30 11.60 0.65
N GLY B 13 -8.49 12.38 1.33
CA GLY B 13 -7.09 12.00 1.49
C GLY B 13 -6.27 13.03 2.25
N SER B 14 -4.98 12.78 2.37
CA SER B 14 -4.11 13.71 3.08
C SER B 14 -3.78 14.95 2.29
N PHE B 15 -3.44 14.76 1.00
CA PHE B 15 -3.04 15.85 0.10
C PHE B 15 -1.99 16.68 0.83
N ASN B 16 -0.87 16.03 1.11
CA ASN B 16 0.21 16.60 1.90
C ASN B 16 1.58 16.62 1.21
N PRO B 17 1.74 17.39 0.14
CA PRO B 17 0.80 18.29 -0.52
C PRO B 17 0.08 17.64 -1.69
N ILE B 18 -0.88 18.37 -2.23
CA ILE B 18 -1.59 17.91 -3.41
C ILE B 18 -0.53 17.86 -4.52
N THR B 19 -0.64 16.88 -5.41
CA THR B 19 0.33 16.73 -6.51
C THR B 19 -0.36 16.62 -7.89
N ASN B 20 0.42 16.62 -8.95
CA ASN B 20 -0.16 16.50 -10.29
C ASN B 20 -0.84 15.14 -10.42
N MET B 21 -0.32 14.15 -9.70
CA MET B 21 -0.89 12.81 -9.75
C MET B 21 -2.30 12.75 -9.17
N HIS B 22 -2.51 13.41 -8.04
CA HIS B 22 -3.84 13.44 -7.41
C HIS B 22 -4.81 14.12 -8.38
N LEU B 23 -4.34 15.17 -9.01
CA LEU B 23 -5.13 15.93 -9.96
C LEU B 23 -5.47 15.10 -11.21
N ARG B 24 -4.47 14.42 -11.77
CA ARG B 24 -4.70 13.60 -12.96
C ARG B 24 -5.78 12.55 -12.66
N MET B 25 -5.80 12.09 -11.41
CA MET B 25 -6.79 11.10 -10.98
C MET B 25 -8.22 11.57 -11.34
N PHE B 26 -8.55 12.83 -11.05
CA PHE B 26 -9.88 13.34 -11.38
C PHE B 26 -10.12 13.34 -12.88
N GLU B 27 -9.14 13.84 -13.64
CA GLU B 27 -9.32 13.91 -15.08
C GLU B 27 -9.58 12.52 -15.70
N VAL B 28 -8.83 11.52 -15.27
CA VAL B 28 -8.98 10.16 -15.81
C VAL B 28 -10.35 9.58 -15.38
N ALA B 29 -10.69 9.79 -14.12
CA ALA B 29 -11.97 9.30 -13.62
C ALA B 29 -13.12 9.92 -14.43
N ARG B 30 -13.10 11.24 -14.60
CA ARG B 30 -14.16 11.90 -15.35
C ARG B 30 -14.27 11.37 -16.78
N ASP B 31 -13.14 11.30 -17.46
CA ASP B 31 -13.17 10.78 -18.83
C ASP B 31 -13.73 9.35 -18.87
N HIS B 32 -13.38 8.54 -17.88
CA HIS B 32 -13.87 7.17 -17.86
C HIS B 32 -15.39 7.11 -17.72
N LEU B 33 -15.93 7.86 -16.75
CA LEU B 33 -17.37 7.87 -16.54
C LEU B 33 -18.09 8.38 -17.78
N HIS B 34 -17.54 9.40 -18.42
CA HIS B 34 -18.16 9.95 -19.61
C HIS B 34 -18.14 8.94 -20.76
N GLN B 35 -17.08 8.13 -20.78
CA GLN B 35 -16.88 7.11 -21.80
C GLN B 35 -18.02 6.08 -21.77
N THR B 36 -18.43 5.68 -20.57
CA THR B 36 -19.51 4.71 -20.42
C THR B 36 -20.78 5.20 -21.10
N GLY B 37 -20.93 6.53 -21.16
CA GLY B 37 -22.10 7.12 -21.78
C GLY B 37 -23.27 7.30 -20.82
N MET B 38 -23.18 6.69 -19.65
CA MET B 38 -24.24 6.77 -18.67
C MET B 38 -24.15 7.92 -17.67
N TYR B 39 -23.00 8.57 -17.56
CA TYR B 39 -22.88 9.66 -16.61
C TYR B 39 -22.38 10.99 -17.17
N GLN B 40 -22.59 12.03 -16.37
CA GLN B 40 -22.17 13.38 -16.70
C GLN B 40 -21.57 13.95 -15.41
N VAL B 41 -20.25 13.87 -15.29
CA VAL B 41 -19.57 14.37 -14.10
C VAL B 41 -19.76 15.88 -14.05
N ILE B 42 -20.37 16.37 -12.98
CA ILE B 42 -20.61 17.80 -12.88
C ILE B 42 -19.67 18.53 -11.92
N GLN B 43 -19.05 17.80 -11.02
CA GLN B 43 -18.16 18.45 -10.07
C GLN B 43 -17.17 17.49 -9.41
N GLY B 44 -16.03 18.05 -9.02
CA GLY B 44 -15.01 17.26 -8.34
C GLY B 44 -14.72 17.96 -7.02
N ILE B 45 -14.56 17.17 -5.97
CA ILE B 45 -14.29 17.75 -4.65
C ILE B 45 -13.11 17.10 -3.93
N ILE B 46 -12.15 17.94 -3.56
CA ILE B 46 -10.98 17.47 -2.81
C ILE B 46 -11.26 17.77 -1.34
N SER B 47 -11.25 16.74 -0.52
CA SER B 47 -11.51 16.93 0.90
C SER B 47 -10.34 16.45 1.75
N PRO B 48 -9.45 17.38 2.13
CA PRO B 48 -8.26 17.07 2.93
C PRO B 48 -8.65 16.55 4.30
N VAL B 49 -7.95 15.52 4.75
CA VAL B 49 -8.23 14.90 6.05
C VAL B 49 -7.89 15.82 7.22
N ASN B 50 -8.56 15.60 8.36
CA ASN B 50 -8.36 16.38 9.59
C ASN B 50 -6.96 16.16 10.15
N ASP B 51 -6.47 17.12 10.93
CA ASP B 51 -5.12 17.02 11.51
C ASP B 51 -4.92 15.99 12.61
N THR B 52 -5.98 15.39 13.12
CA THR B 52 -5.86 14.39 14.18
C THR B 52 -5.72 12.99 13.60
N TYR B 53 -5.82 12.88 12.28
CA TYR B 53 -5.74 11.57 11.64
C TYR B 53 -4.33 11.00 11.58
N GLY B 54 -4.25 9.68 11.77
CA GLY B 54 -2.98 8.97 11.71
C GLY B 54 -1.84 9.33 12.63
N LYS B 55 -0.72 8.66 12.39
CA LYS B 55 0.52 8.83 13.17
C LYS B 55 1.43 9.84 12.49
N LYS B 56 1.33 9.93 11.17
CA LYS B 56 2.16 10.83 10.38
C LYS B 56 1.84 12.28 10.69
N ASP B 57 2.85 13.14 10.66
CA ASP B 57 2.65 14.56 10.91
C ASP B 57 2.46 15.28 9.58
N LEU B 58 1.23 15.70 9.31
CA LEU B 58 0.89 16.40 8.09
C LEU B 58 1.06 17.89 8.28
N ALA B 59 1.09 18.64 7.19
CA ALA B 59 1.16 20.09 7.30
C ALA B 59 -0.21 20.47 7.86
N ALA B 60 -0.32 21.60 8.53
CA ALA B 60 -1.61 22.02 9.10
C ALA B 60 -2.72 21.98 8.04
N SER B 61 -3.92 21.55 8.45
CA SER B 61 -5.03 21.46 7.51
C SER B 61 -5.31 22.74 6.73
N HIS B 62 -5.18 23.92 7.35
CA HIS B 62 -5.46 25.14 6.58
C HIS B 62 -4.44 25.32 5.44
N HIS B 63 -3.21 24.84 5.63
CA HIS B 63 -2.22 24.90 4.56
C HIS B 63 -2.59 23.93 3.43
N ARG B 64 -2.99 22.72 3.80
CA ARG B 64 -3.34 21.72 2.79
C ARG B 64 -4.56 22.14 1.98
N VAL B 65 -5.50 22.83 2.63
CA VAL B 65 -6.68 23.32 1.92
C VAL B 65 -6.24 24.44 0.97
N ALA B 66 -5.40 25.34 1.49
CA ALA B 66 -4.89 26.46 0.69
C ALA B 66 -4.13 25.99 -0.55
N MET B 67 -3.27 25.00 -0.38
CA MET B 67 -2.52 24.49 -1.53
C MET B 67 -3.45 23.83 -2.54
N ALA B 68 -4.42 23.07 -2.03
CA ALA B 68 -5.36 22.42 -2.93
C ALA B 68 -6.11 23.48 -3.71
N ARG B 69 -6.53 24.54 -3.00
CA ARG B 69 -7.25 25.63 -3.66
C ARG B 69 -6.40 26.24 -4.77
N LEU B 70 -5.14 26.53 -4.46
CA LEU B 70 -4.25 27.12 -5.47
C LEU B 70 -4.10 26.18 -6.67
N ALA B 71 -3.92 24.90 -6.37
CA ALA B 71 -3.77 23.89 -7.42
C ALA B 71 -5.00 23.86 -8.32
N LEU B 72 -6.17 24.09 -7.74
CA LEU B 72 -7.41 24.03 -8.48
C LEU B 72 -7.87 25.33 -9.13
N GLN B 73 -7.14 26.43 -8.90
CA GLN B 73 -7.53 27.70 -9.50
C GLN B 73 -7.66 27.54 -11.00
N THR B 74 -6.82 26.66 -11.55
CA THR B 74 -6.80 26.39 -12.97
C THR B 74 -7.72 25.25 -13.43
N SER B 75 -8.58 24.80 -12.54
CA SER B 75 -9.54 23.74 -12.87
C SER B 75 -10.90 24.41 -12.96
N ASP B 76 -11.69 24.03 -13.96
CA ASP B 76 -13.02 24.62 -14.07
C ASP B 76 -14.11 23.69 -13.51
N TRP B 77 -13.72 22.58 -12.87
CA TRP B 77 -14.76 21.69 -12.33
C TRP B 77 -14.45 21.03 -10.99
N ILE B 78 -13.20 21.15 -10.54
CA ILE B 78 -12.77 20.57 -9.28
C ILE B 78 -12.54 21.67 -8.23
N ARG B 79 -13.05 21.45 -7.02
CA ARG B 79 -12.88 22.42 -5.95
C ARG B 79 -12.50 21.71 -4.64
N VAL B 80 -11.86 22.44 -3.73
CA VAL B 80 -11.52 21.88 -2.44
C VAL B 80 -12.63 22.25 -1.44
N ASP B 81 -12.95 21.34 -0.53
CA ASP B 81 -13.98 21.62 0.47
C ASP B 81 -13.37 21.35 1.82
N PRO B 82 -13.19 22.40 2.64
CA PRO B 82 -12.60 22.34 3.96
C PRO B 82 -13.43 21.73 5.08
N TRP B 83 -14.73 21.53 4.84
CA TRP B 83 -15.61 20.96 5.87
C TRP B 83 -14.96 19.88 6.73
N GLU B 84 -14.59 18.77 6.10
CA GLU B 84 -13.98 17.67 6.82
C GLU B 84 -12.79 18.05 7.70
N SER B 85 -11.86 18.82 7.15
CA SER B 85 -10.68 19.22 7.90
C SER B 85 -11.04 20.21 9.00
N GLU B 86 -12.18 20.87 8.87
CA GLU B 86 -12.59 21.85 9.88
C GLU B 86 -13.42 21.27 11.02
N GLN B 87 -13.55 19.95 11.07
CA GLN B 87 -14.30 19.32 12.16
C GLN B 87 -13.28 19.15 13.28
N ALA B 88 -13.75 19.11 14.52
CA ALA B 88 -12.85 19.00 15.64
C ALA B 88 -12.07 17.70 15.65
N GLN B 89 -12.62 16.67 15.02
CA GLN B 89 -11.96 15.38 15.04
C GLN B 89 -11.98 14.65 13.69
N TRP B 90 -11.15 13.62 13.57
CA TRP B 90 -11.10 12.83 12.35
C TRP B 90 -12.44 12.19 12.16
N MET B 91 -12.82 11.97 10.91
CA MET B 91 -14.10 11.38 10.60
C MET B 91 -13.96 10.26 9.59
N GLU B 92 -14.64 9.14 9.83
CA GLU B 92 -14.60 8.03 8.88
C GLU B 92 -15.12 8.57 7.55
N THR B 93 -14.60 8.06 6.45
CA THR B 93 -14.95 8.56 5.13
C THR B 93 -16.42 8.50 4.74
N VAL B 94 -17.12 7.47 5.22
CA VAL B 94 -18.53 7.32 4.91
C VAL B 94 -19.30 8.49 5.49
N LYS B 95 -18.83 9.04 6.60
CA LYS B 95 -19.52 10.18 7.17
C LYS B 95 -19.27 11.44 6.36
N VAL B 96 -18.14 11.47 5.66
CA VAL B 96 -17.85 12.63 4.84
C VAL B 96 -18.74 12.51 3.61
N LEU B 97 -18.95 11.30 3.11
CA LEU B 97 -19.83 11.12 1.96
C LEU B 97 -21.29 11.53 2.33
N ARG B 98 -21.75 11.06 3.49
CA ARG B 98 -23.10 11.40 3.98
C ARG B 98 -23.27 12.92 4.04
N HIS B 99 -22.30 13.61 4.64
CA HIS B 99 -22.37 15.08 4.75
C HIS B 99 -22.50 15.74 3.40
N HIS B 100 -21.58 15.40 2.50
CA HIS B 100 -21.60 15.99 1.17
C HIS B 100 -22.82 15.58 0.35
N HIS B 101 -23.39 14.41 0.63
CA HIS B 101 -24.58 13.97 -0.08
C HIS B 101 -25.75 14.88 0.36
N SER B 102 -25.85 15.09 1.67
CA SER B 102 -26.89 15.94 2.25
C SER B 102 -26.83 17.34 1.64
N LYS B 103 -25.62 17.90 1.54
CA LYS B 103 -25.46 19.22 0.95
C LYS B 103 -25.99 19.29 -0.47
N LEU B 104 -25.89 18.18 -1.20
CA LEU B 104 -26.37 18.12 -2.58
C LEU B 104 -27.88 18.23 -2.64
N LEU B 105 -28.54 17.78 -1.59
CA LEU B 105 -29.99 17.86 -1.52
C LEU B 105 -30.37 19.22 -0.94
N ARG B 106 -29.39 19.90 -0.36
CA ARG B 106 -29.58 21.21 0.26
C ARG B 106 -30.56 21.11 1.44
N VAL B 127 -31.29 14.82 -8.32
CA VAL B 127 -30.26 14.50 -7.35
C VAL B 127 -29.07 13.83 -8.01
N PRO B 128 -27.91 14.51 -8.04
CA PRO B 128 -26.74 13.91 -8.66
C PRO B 128 -26.23 12.75 -7.81
N GLU B 129 -25.45 11.86 -8.40
CA GLU B 129 -24.90 10.74 -7.64
C GLU B 129 -23.52 11.09 -7.09
N LEU B 130 -23.31 10.83 -5.82
CA LEU B 130 -22.03 11.12 -5.19
C LEU B 130 -21.24 9.82 -5.14
N LYS B 131 -20.04 9.85 -5.73
CA LYS B 131 -19.16 8.69 -5.75
C LYS B 131 -17.79 9.01 -5.14
N LEU B 132 -17.25 8.05 -4.39
CA LEU B 132 -15.94 8.22 -3.80
C LEU B 132 -14.89 7.95 -4.88
N LEU B 133 -13.92 8.87 -4.99
CA LEU B 133 -12.85 8.73 -5.98
C LEU B 133 -11.56 8.36 -5.27
N CYS B 134 -10.89 7.32 -5.76
CA CYS B 134 -9.63 6.93 -5.12
C CYS B 134 -8.74 6.12 -6.03
N GLY B 135 -7.48 5.97 -5.61
CA GLY B 135 -6.53 5.20 -6.37
C GLY B 135 -6.70 3.74 -5.97
N ALA B 136 -6.14 2.83 -6.77
CA ALA B 136 -6.28 1.40 -6.49
C ALA B 136 -5.71 0.99 -5.15
N ASP B 137 -4.68 1.70 -4.67
CA ASP B 137 -4.10 1.36 -3.39
C ASP B 137 -5.14 1.45 -2.25
N VAL B 138 -6.16 2.28 -2.46
CA VAL B 138 -7.21 2.45 -1.45
C VAL B 138 -8.03 1.18 -1.32
N LEU B 139 -8.41 0.61 -2.46
CA LEU B 139 -9.18 -0.63 -2.45
C LEU B 139 -8.41 -1.66 -1.68
N LYS B 140 -7.09 -1.66 -1.85
CA LYS B 140 -6.31 -2.66 -1.14
C LYS B 140 -6.36 -2.43 0.37
N THR B 141 -6.51 -1.18 0.82
CA THR B 141 -6.55 -0.97 2.27
C THR B 141 -7.88 -1.44 2.87
N PHE B 142 -8.89 -1.65 2.03
CA PHE B 142 -10.18 -2.15 2.51
C PHE B 142 -9.93 -3.50 3.17
N GLN B 143 -8.83 -4.16 2.77
CA GLN B 143 -8.49 -5.47 3.31
C GLN B 143 -7.69 -5.40 4.61
N THR B 144 -7.22 -4.22 5.00
CA THR B 144 -6.42 -4.16 6.21
C THR B 144 -7.18 -4.42 7.52
N PRO B 145 -6.65 -5.31 8.36
CA PRO B 145 -7.29 -5.64 9.64
C PRO B 145 -7.61 -4.41 10.49
N ASN B 146 -8.88 -4.31 10.90
CA ASN B 146 -9.30 -3.22 11.75
C ASN B 146 -9.16 -1.83 11.14
N LEU B 147 -8.96 -1.74 9.83
CA LEU B 147 -8.82 -0.42 9.23
C LEU B 147 -10.16 0.20 8.87
N TRP B 148 -10.90 -0.44 7.98
CA TRP B 148 -12.21 0.07 7.56
C TRP B 148 -13.29 -0.86 8.11
N LYS B 149 -14.42 -0.30 8.54
CA LYS B 149 -15.52 -1.14 9.02
C LYS B 149 -16.16 -1.75 7.78
N ASP B 150 -16.52 -3.02 7.83
CA ASP B 150 -17.16 -3.67 6.69
C ASP B 150 -18.51 -3.00 6.40
N ALA B 151 -19.23 -2.62 7.45
CA ALA B 151 -20.52 -1.97 7.23
C ALA B 151 -20.31 -0.70 6.40
N HIS B 152 -19.18 -0.03 6.62
CA HIS B 152 -18.86 1.21 5.88
C HIS B 152 -18.46 0.94 4.43
N ILE B 153 -17.65 -0.09 4.21
CA ILE B 153 -17.27 -0.43 2.85
C ILE B 153 -18.57 -0.73 2.10
N GLN B 154 -19.47 -1.46 2.73
CA GLN B 154 -20.75 -1.79 2.07
C GLN B 154 -21.55 -0.53 1.75
N GLU B 155 -21.65 0.40 2.70
CA GLU B 155 -22.42 1.61 2.44
C GLU B 155 -21.81 2.44 1.31
N ILE B 156 -20.49 2.54 1.31
CA ILE B 156 -19.83 3.31 0.27
C ILE B 156 -20.15 2.82 -1.13
N VAL B 157 -20.09 1.51 -1.34
CA VAL B 157 -20.32 0.96 -2.66
C VAL B 157 -21.77 0.69 -2.96
N GLU B 158 -22.55 0.51 -1.91
CA GLU B 158 -23.98 0.25 -2.13
C GLU B 158 -24.81 1.54 -2.22
N LYS B 159 -24.57 2.45 -1.29
CA LYS B 159 -25.28 3.73 -1.27
C LYS B 159 -24.69 4.79 -2.19
N PHE B 160 -23.37 4.89 -2.25
CA PHE B 160 -22.76 5.92 -3.04
C PHE B 160 -22.16 5.48 -4.37
N GLY B 161 -21.02 4.79 -4.32
CA GLY B 161 -20.38 4.36 -5.55
C GLY B 161 -18.90 4.59 -5.40
N LEU B 162 -18.12 3.91 -6.21
CA LEU B 162 -16.67 4.01 -6.11
C LEU B 162 -16.04 4.04 -7.51
N VAL B 163 -15.16 5.01 -7.75
CA VAL B 163 -14.45 5.12 -9.01
C VAL B 163 -12.99 4.99 -8.62
N CYS B 164 -12.35 3.96 -9.16
CA CYS B 164 -10.96 3.65 -8.82
C CYS B 164 -10.04 3.83 -10.01
N VAL B 165 -8.94 4.56 -9.79
CA VAL B 165 -7.96 4.80 -10.85
C VAL B 165 -6.77 3.86 -10.64
N GLY B 166 -6.35 3.23 -11.72
CA GLY B 166 -5.24 2.30 -11.62
C GLY B 166 -3.96 2.88 -11.04
N ARG B 167 -3.15 1.98 -10.51
CA ARG B 167 -1.84 2.31 -9.96
C ARG B 167 -0.94 1.11 -10.08
N VAL B 168 0.30 1.36 -10.46
CA VAL B 168 1.29 0.32 -10.63
C VAL B 168 1.39 -0.57 -9.41
N SER B 169 1.41 -1.88 -9.64
CA SER B 169 1.53 -2.85 -8.56
C SER B 169 0.22 -3.25 -7.91
N HIS B 170 -0.89 -2.70 -8.40
CA HIS B 170 -2.20 -2.99 -7.85
C HIS B 170 -3.12 -3.64 -8.87
N ASP B 171 -3.91 -4.62 -8.43
CA ASP B 171 -4.83 -5.31 -9.31
C ASP B 171 -6.30 -5.11 -8.80
N PRO B 172 -6.92 -3.96 -9.15
CA PRO B 172 -8.29 -3.62 -8.75
C PRO B 172 -9.29 -4.72 -9.06
N LYS B 173 -9.21 -5.31 -10.26
CA LYS B 173 -10.16 -6.38 -10.60
C LYS B 173 -10.07 -7.51 -9.59
N GLY B 174 -8.85 -7.86 -9.18
CA GLY B 174 -8.69 -8.93 -8.20
C GLY B 174 -9.20 -8.55 -6.81
N TYR B 175 -8.95 -7.30 -6.39
CA TYR B 175 -9.42 -6.83 -5.07
C TYR B 175 -10.95 -6.94 -5.05
N ILE B 176 -11.59 -6.52 -6.13
CA ILE B 176 -13.05 -6.59 -6.19
C ILE B 176 -13.51 -8.05 -6.07
N ALA B 177 -12.98 -8.90 -6.96
CA ALA B 177 -13.37 -10.31 -6.95
C ALA B 177 -13.13 -11.03 -5.63
N GLU B 178 -12.07 -10.67 -4.91
CA GLU B 178 -11.78 -11.33 -3.65
C GLU B 178 -12.49 -10.76 -2.42
N SER B 179 -13.24 -9.68 -2.62
CA SER B 179 -13.98 -9.07 -1.52
C SER B 179 -15.44 -9.46 -1.63
N PRO B 180 -15.95 -10.17 -0.61
CA PRO B 180 -17.36 -10.61 -0.59
C PRO B 180 -18.28 -9.40 -0.75
N ILE B 181 -17.89 -8.29 -0.16
CA ILE B 181 -18.69 -7.07 -0.23
C ILE B 181 -18.61 -6.40 -1.61
N LEU B 182 -17.39 -6.12 -2.08
CA LEU B 182 -17.25 -5.45 -3.37
C LEU B 182 -17.82 -6.22 -4.56
N ARG B 183 -17.57 -7.52 -4.61
CA ARG B 183 -18.04 -8.29 -5.76
C ARG B 183 -19.56 -8.30 -5.93
N MET B 184 -20.28 -8.02 -4.85
CA MET B 184 -21.74 -7.99 -4.90
C MET B 184 -22.29 -6.63 -5.34
N HIS B 185 -21.40 -5.64 -5.48
CA HIS B 185 -21.81 -4.28 -5.87
C HIS B 185 -21.03 -3.70 -7.05
N GLN B 186 -20.65 -4.53 -8.00
CA GLN B 186 -19.87 -4.07 -9.14
C GLN B 186 -20.52 -3.03 -10.04
N HIS B 187 -21.85 -3.00 -10.09
CA HIS B 187 -22.53 -2.01 -10.90
C HIS B 187 -22.17 -0.61 -10.40
N ASN B 188 -21.84 -0.51 -9.12
CA ASN B 188 -21.49 0.76 -8.50
C ASN B 188 -19.99 1.00 -8.35
N ILE B 189 -19.19 0.13 -8.98
CA ILE B 189 -17.76 0.29 -8.93
C ILE B 189 -17.27 0.48 -10.36
N HIS B 190 -16.51 1.55 -10.57
CA HIS B 190 -16.01 1.84 -11.91
C HIS B 190 -14.49 1.84 -11.88
N LEU B 191 -13.90 0.98 -12.70
CA LEU B 191 -12.45 0.89 -12.76
C LEU B 191 -11.97 1.67 -13.96
N ALA B 192 -11.24 2.75 -13.69
CA ALA B 192 -10.69 3.60 -14.74
C ALA B 192 -9.21 3.24 -14.82
N LYS B 193 -8.77 2.77 -15.99
CA LYS B 193 -7.38 2.41 -16.18
C LYS B 193 -6.51 3.61 -16.52
N GLU B 194 -5.31 3.66 -15.92
CA GLU B 194 -4.35 4.73 -16.14
C GLU B 194 -3.29 4.26 -17.13
N PRO B 195 -3.47 4.58 -18.42
CA PRO B 195 -2.50 4.15 -19.42
C PRO B 195 -1.08 4.70 -19.30
N VAL B 196 -0.90 5.72 -18.46
CA VAL B 196 0.40 6.37 -18.22
C VAL B 196 1.05 5.84 -16.91
N GLN B 197 2.38 5.83 -16.83
CA GLN B 197 3.04 5.41 -15.60
C GLN B 197 3.27 6.65 -14.75
N ASN B 198 2.43 6.80 -13.74
CA ASN B 198 2.50 7.97 -12.90
C ASN B 198 2.62 7.53 -11.42
N GLU B 199 3.83 7.34 -10.96
CA GLU B 199 4.02 6.93 -9.60
C GLU B 199 4.96 7.93 -8.94
N ILE B 200 4.40 9.08 -8.60
CA ILE B 200 5.14 10.15 -7.95
C ILE B 200 4.63 10.14 -6.53
N SER B 201 5.49 9.82 -5.58
CA SER B 201 5.04 9.79 -4.19
C SER B 201 5.12 11.15 -3.49
N ALA B 202 4.10 11.45 -2.70
CA ALA B 202 4.04 12.71 -1.94
C ALA B 202 5.17 12.73 -0.90
N THR B 203 5.51 11.54 -0.37
CA THR B 203 6.58 11.39 0.61
C THR B 203 7.87 11.83 -0.04
N TYR B 204 8.08 11.41 -1.28
CA TYR B 204 9.27 11.78 -2.00
C TYR B 204 9.31 13.30 -2.22
N ILE B 205 8.15 13.86 -2.60
CA ILE B 205 8.02 15.30 -2.84
C ILE B 205 8.46 16.05 -1.56
N ARG B 206 7.95 15.60 -0.41
CA ARG B 206 8.30 16.24 0.86
C ARG B 206 9.79 16.14 1.16
N ARG B 207 10.37 14.96 0.92
CA ARG B 207 11.79 14.78 1.17
C ARG B 207 12.64 15.64 0.22
N ALA B 208 12.26 15.68 -1.04
CA ALA B 208 12.98 16.50 -2.02
C ALA B 208 12.94 17.98 -1.56
N LEU B 209 11.76 18.45 -1.21
CA LEU B 209 11.64 19.85 -0.75
C LEU B 209 12.50 20.08 0.49
N GLY B 210 12.46 19.13 1.43
CA GLY B 210 13.29 19.28 2.63
C GLY B 210 14.78 19.37 2.31
N GLN B 211 15.18 18.76 1.20
CA GLN B 211 16.59 18.76 0.80
C GLN B 211 16.91 19.93 -0.13
N GLY B 212 15.94 20.79 -0.40
CA GLY B 212 16.17 21.91 -1.28
C GLY B 212 16.22 21.54 -2.77
N GLN B 213 15.63 20.40 -3.12
CA GLN B 213 15.61 19.98 -4.51
C GLN B 213 14.30 20.37 -5.20
N SER B 214 14.34 20.51 -6.51
CA SER B 214 13.16 20.86 -7.27
C SER B 214 12.08 19.78 -7.37
N VAL B 215 10.82 20.21 -7.33
CA VAL B 215 9.71 19.30 -7.51
C VAL B 215 8.87 19.95 -8.59
N LYS B 216 9.45 20.93 -9.28
CA LYS B 216 8.73 21.60 -10.35
C LYS B 216 8.31 20.55 -11.37
N TYR B 217 7.12 20.73 -11.93
CA TYR B 217 6.54 19.82 -12.91
C TYR B 217 6.02 18.52 -12.29
N LEU B 218 6.11 18.41 -10.97
CA LEU B 218 5.56 17.27 -10.25
C LEU B 218 4.29 17.72 -9.52
N ILE B 219 4.29 18.98 -9.09
CA ILE B 219 3.13 19.59 -8.44
C ILE B 219 2.99 20.98 -9.05
N PRO B 220 1.79 21.58 -8.97
CA PRO B 220 1.59 22.92 -9.55
C PRO B 220 2.52 23.99 -9.00
N ASP B 221 2.95 24.90 -9.88
CA ASP B 221 3.82 26.02 -9.51
C ASP B 221 3.28 26.84 -8.32
N ALA B 222 2.00 27.16 -8.35
CA ALA B 222 1.39 27.92 -7.26
C ALA B 222 1.54 27.20 -5.94
N VAL B 223 1.44 25.86 -5.96
CA VAL B 223 1.61 25.09 -4.73
C VAL B 223 3.07 25.18 -4.26
N ILE B 224 4.00 25.13 -5.21
CA ILE B 224 5.41 25.23 -4.86
C ILE B 224 5.68 26.60 -4.21
N THR B 225 5.11 27.65 -4.80
CA THR B 225 5.31 29.00 -4.26
C THR B 225 4.75 29.10 -2.86
N TYR B 226 3.54 28.58 -2.66
CA TYR B 226 2.90 28.60 -1.34
C TYR B 226 3.79 27.89 -0.32
N ILE B 227 4.32 26.73 -0.72
CA ILE B 227 5.19 25.97 0.17
C ILE B 227 6.41 26.77 0.62
N LYS B 228 7.04 27.45 -0.32
CA LYS B 228 8.21 28.27 -0.03
C LYS B 228 7.80 29.42 0.88
N ASP B 229 6.78 30.16 0.45
CA ASP B 229 6.28 31.31 1.23
C ASP B 229 6.00 30.99 2.69
N HIS B 230 5.38 29.84 2.92
CA HIS B 230 5.03 29.47 4.29
C HIS B 230 5.98 28.53 5.01
N GLY B 231 7.18 28.32 4.46
CA GLY B 231 8.15 27.44 5.11
C GLY B 231 7.68 26.01 5.39
N LEU B 232 6.87 25.45 4.50
CA LEU B 232 6.38 24.10 4.71
C LEU B 232 7.39 23.02 4.27
N TYR B 233 7.31 21.86 4.94
CA TYR B 233 8.16 20.72 4.63
C TYR B 233 9.66 20.96 4.78
N THR B 234 10.03 21.76 5.78
CA THR B 234 11.41 22.04 6.07
C THR B 234 11.67 21.78 7.55
S SO4 C . 4.48 -8.06 23.98
O1 SO4 C . 5.55 -7.27 23.37
O2 SO4 C . 4.83 -9.48 23.82
O3 SO4 C . 3.19 -7.78 23.34
O4 SO4 C . 4.41 -7.79 25.46
S SO4 D . -0.97 -8.82 -2.96
O1 SO4 D . 0.41 -8.32 -2.96
O2 SO4 D . -1.42 -9.04 -4.32
O3 SO4 D . -1.85 -7.83 -2.34
O4 SO4 D . -1.08 -10.08 -2.15
PN DND E . 1.67 -9.43 3.32
O11 DND E . 0.23 -9.76 3.41
O12 DND E . 1.95 -8.09 2.69
O3P DND E . 2.57 -10.53 2.56
O5D DND E . 2.36 -9.67 4.74
C5D DND E . 1.78 -9.13 5.96
C4D DND E . 2.71 -9.57 7.02
O4D DND E . 2.84 -8.48 7.96
C3D DND E . 2.26 -10.80 7.83
O3D DND E . 3.43 -11.59 8.19
C2D DND E . 1.65 -10.16 9.07
O2D DND E . 1.67 -11.05 10.20
C1D DND E . 2.53 -8.94 9.26
N1N DND E . 1.86 -7.90 10.02
C6N DND E . 0.86 -7.00 9.48
C5N DND E . 0.23 -6.05 10.18
C4N DND E . 0.55 -5.86 11.66
C3N DND E . 1.58 -6.77 12.22
C2N DND E . 2.20 -7.78 11.36
C7N DND E . 2.07 -6.78 13.63
O7N DND E . 1.52 -5.92 14.35
O8N DND E . 3.01 -7.62 14.09
PA DND E . 2.84 -10.65 0.99
O13 DND E . 1.93 -9.76 0.20
O14 DND E . 2.77 -12.12 0.65
O5B DND E . 4.35 -10.14 0.72
C5B DND E . 5.44 -10.64 1.56
C4B DND E . 6.57 -9.66 1.32
O4B DND E . 6.81 -9.48 -0.09
C3B DND E . 6.32 -8.25 1.87
O3B DND E . 7.42 -7.89 2.75
C2B DND E . 6.23 -7.43 0.59
O2B DND E . 6.72 -6.11 0.82
C1B DND E . 7.13 -8.19 -0.37
N9A DND E . 6.82 -7.98 -1.78
C4A DND E . 7.64 -7.34 -2.65
N3A DND E . 8.86 -6.79 -2.38
C2A DND E . 9.43 -6.24 -3.45
N1A DND E . 8.90 -6.18 -4.73
C6A DND E . 7.66 -6.73 -4.98
C5A DND E . 6.98 -7.37 -3.88
N7A DND E . 5.74 -8.00 -3.78
C8A DND E . 5.69 -8.36 -2.48
N6A DND E . 7.18 -6.67 -6.23
S SO4 F . -22.17 4.73 11.75
O1 SO4 F . -22.92 4.17 10.64
O2 SO4 F . -21.93 6.15 11.45
O3 SO4 F . -20.88 4.03 11.94
O4 SO4 F . -22.95 4.65 13.04
S SO4 G . 2.47 8.85 -0.09
O1 SO4 G . 1.71 9.09 -1.32
O2 SO4 G . 3.76 9.51 -0.20
O3 SO4 G . 1.78 9.41 1.08
O4 SO4 G . 2.72 7.37 0.08
PN DND H . -4.22 8.91 2.00
O11 DND H . -3.45 9.06 3.26
O12 DND H . -3.78 7.75 1.14
O3P DND H . -4.23 10.20 1.08
O5D DND H . -5.80 8.97 2.34
C5D DND H . -6.38 8.26 3.48
C4D DND H . -7.86 8.59 3.42
O4D DND H . -8.62 7.40 3.73
C3D DND H . -8.33 9.67 4.42
O3D DND H . -9.39 10.47 3.80
C2D DND H . -8.87 8.81 5.56
O2D DND H . -9.80 9.51 6.41
C1D DND H . -9.49 7.67 4.80
N1N DND H . -9.66 6.49 5.62
C6N DND H . -8.57 5.62 5.98
C5N DND H . -8.69 4.53 6.74
C4N DND H . -10.06 4.13 7.29
C3N DND H . -11.19 5.01 6.94
C2N DND H . -10.94 6.18 6.10
C7N DND H . -12.61 4.81 7.37
O7N DND H . -12.77 3.80 8.09
O8N DND H . -13.61 5.64 7.00
PA DND H . -3.24 10.55 -0.09
O13 DND H . -1.97 9.77 -0.04
O14 DND H . -3.07 12.03 -0.08
O5B DND H . -3.96 10.12 -1.46
C5B DND H . -5.34 10.55 -1.72
C4B DND H . -5.73 9.78 -2.94
O4B DND H . -4.76 9.89 -4.01
C3B DND H . -5.90 8.28 -2.70
O3B DND H . -7.22 7.88 -3.12
C2B DND H . -4.76 7.71 -3.53
O2B DND H . -5.13 6.41 -3.99
C1B DND H . -4.66 8.72 -4.68
N9A DND H . -3.35 8.72 -5.31
C4A DND H . -3.09 8.32 -6.60
N3A DND H . -3.96 7.80 -7.51
C2A DND H . -3.36 7.49 -8.67
N1A DND H . -2.01 7.62 -8.98
C6A DND H . -1.16 8.14 -8.01
C5A DND H . -1.71 8.50 -6.74
N7A DND H . -1.14 9.04 -5.60
C8A DND H . -2.18 9.15 -4.78
N6A DND H . 0.14 8.26 -8.32
#